data_7TT8
#
_entry.id   7TT8
#
_cell.length_a   88.302
_cell.length_b   88.302
_cell.length_c   105.605
_cell.angle_alpha   90.000
_cell.angle_beta   90.000
_cell.angle_gamma   120.000
#
_symmetry.space_group_name_H-M   'P 32 2 1'
#
loop_
_entity.id
_entity.type
_entity.pdbx_description
1 polymer 'Nuclear receptor subfamily 5 group A member 2'
2 polymer 'Nuclear receptor coactivator 2'
3 non-polymer '10-[(3aR,6S,6aR)-3-phenyl-3a-(1-phenylethenyl)-6-(sulfamoylamino)-1,3a,4,5,6,6a-hexahydropentalen-2-yl]decanoic acid (non-preferred name)'
4 water water
#
loop_
_entity_poly.entity_id
_entity_poly.type
_entity_poly.pdbx_seq_one_letter_code
_entity_poly.pdbx_strand_id
1 'polypeptide(L)'
;SNAASIPHLILELLKCEPDEPQVQAKIMAYLQQEQANRSKHEKLSTFGLMCKMADQTLFSIVEWARSSIFFRELKVDDQM
KLLQNCWSELLILDHIYRQVVHGKEGSIFLVTGQQVDYSIIASQAGATLNNLMSHAQELVAKLRSLQFDQREFVCLKFLV
LFSLDVKNLENFQLVEGVQEQVNAALLDYTMCNYPQQTEKFGQLLLRLPEIRAISMQAEEYLYYKHLNGDVPYNNLLIEM
LHAKRA
;
A
2 'polypeptide(L)' KENALLRYLLDKDD C
#
loop_
_chem_comp.id
_chem_comp.type
_chem_comp.name
_chem_comp.formula
IUW non-polymer '10-[(3aR,6S,6aR)-3-phenyl-3a-(1-phenylethenyl)-6-(sulfamoylamino)-1,3a,4,5,6,6a-hexahydropentalen-2-yl]decanoic acid (non-preferred name)' 'C32 H42 N2 O4 S'
#
# COMPACT_ATOMS: atom_id res chain seq x y z
N ALA A 4 14.95 20.55 -3.68
CA ALA A 4 16.19 20.07 -4.29
C ALA A 4 16.89 19.09 -3.36
N SER A 5 18.07 18.63 -3.76
CA SER A 5 18.83 17.61 -3.02
C SER A 5 18.15 16.25 -3.08
N ILE A 6 17.65 15.89 -4.27
CA ILE A 6 16.96 14.64 -4.49
C ILE A 6 17.79 13.82 -5.49
N PRO A 7 18.24 12.61 -5.14
CA PRO A 7 18.85 11.74 -6.15
C PRO A 7 17.94 11.53 -7.36
N HIS A 8 18.53 11.20 -8.51
CA HIS A 8 17.76 11.13 -9.75
C HIS A 8 16.88 9.88 -9.79
N LEU A 9 17.38 8.77 -9.27
CA LEU A 9 16.56 7.56 -9.20
C LEU A 9 15.24 7.82 -8.50
N ILE A 10 15.26 8.62 -7.44
CA ILE A 10 14.04 8.89 -6.70
C ILE A 10 13.10 9.75 -7.53
N LEU A 11 13.63 10.63 -8.38
CA LEU A 11 12.75 11.36 -9.30
C LEU A 11 12.10 10.41 -10.30
N GLU A 12 12.88 9.46 -10.82
CA GLU A 12 12.30 8.45 -11.72
C GLU A 12 11.20 7.66 -11.02
N LEU A 13 11.39 7.35 -9.74
CA LEU A 13 10.37 6.63 -8.99
C LEU A 13 9.15 7.51 -8.76
N LEU A 14 9.35 8.81 -8.50
CA LEU A 14 8.23 9.72 -8.32
C LEU A 14 7.42 9.87 -9.59
N LYS A 15 8.08 9.81 -10.75
CA LYS A 15 7.37 9.86 -12.02
C LYS A 15 6.29 8.78 -12.11
N CYS A 16 6.40 7.71 -11.33
CA CYS A 16 5.44 6.62 -11.36
C CYS A 16 4.22 6.86 -10.49
N GLU A 17 4.20 7.94 -9.70
CA GLU A 17 3.07 8.17 -8.81
C GLU A 17 1.86 8.63 -9.61
N PRO A 18 0.67 8.12 -9.31
CA PRO A 18 -0.52 8.52 -10.07
C PRO A 18 -1.03 9.89 -9.63
N ASP A 19 -1.77 10.53 -10.54
CA ASP A 19 -2.45 11.78 -10.26
C ASP A 19 -3.61 11.48 -9.32
N GLU A 20 -3.27 11.27 -8.05
CA GLU A 20 -4.22 10.72 -7.09
C GLU A 20 -5.44 11.60 -6.86
N PRO A 21 -5.42 12.90 -7.16
CA PRO A 21 -6.70 13.62 -7.24
C PRO A 21 -7.68 12.96 -8.19
N GLN A 22 -7.24 12.65 -9.41
CA GLN A 22 -8.11 12.01 -10.39
C GLN A 22 -8.52 10.62 -9.94
N VAL A 23 -7.61 9.89 -9.29
CA VAL A 23 -7.94 8.55 -8.82
C VAL A 23 -8.99 8.62 -7.72
N GLN A 24 -8.80 9.55 -6.76
CA GLN A 24 -9.82 9.85 -5.77
C GLN A 24 -11.17 10.06 -6.43
N ALA A 25 -11.22 10.98 -7.40
CA ALA A 25 -12.47 11.32 -8.05
C ALA A 25 -13.10 10.09 -8.72
N LYS A 26 -12.29 9.30 -9.43
CA LYS A 26 -12.84 8.17 -10.16
C LYS A 26 -13.35 7.09 -9.21
N ILE A 27 -12.65 6.84 -8.10
CA ILE A 27 -13.11 5.85 -7.15
C ILE A 27 -14.42 6.30 -6.52
N MET A 28 -14.50 7.56 -6.11
CA MET A 28 -15.75 7.99 -5.50
C MET A 28 -16.88 8.00 -6.53
N ALA A 29 -16.58 8.28 -7.81
CA ALA A 29 -17.63 8.19 -8.82
C ALA A 29 -18.10 6.74 -9.00
N TYR A 30 -17.16 5.80 -9.03
CA TYR A 30 -17.52 4.39 -9.12
C TYR A 30 -18.45 4.00 -7.98
N LEU A 31 -18.14 4.45 -6.76
CA LEU A 31 -18.97 4.05 -5.62
C LEU A 31 -20.31 4.79 -5.62
N GLN A 32 -20.31 6.08 -5.97
CA GLN A 32 -21.57 6.80 -6.14
C GLN A 32 -22.48 6.08 -7.11
N GLN A 33 -21.92 5.55 -8.20
CA GLN A 33 -22.72 4.86 -9.19
C GLN A 33 -23.17 3.50 -8.69
N GLU A 34 -22.27 2.76 -8.03
CA GLU A 34 -22.60 1.40 -7.62
C GLU A 34 -23.66 1.39 -6.53
N GLN A 35 -23.57 2.30 -5.56
CA GLN A 35 -24.52 2.30 -4.45
C GLN A 35 -25.93 2.64 -4.89
N ALA A 36 -26.10 3.32 -6.03
CA ALA A 36 -27.41 3.72 -6.51
C ALA A 36 -28.10 2.64 -7.34
N ASN A 37 -27.38 1.62 -7.77
CA ASN A 37 -27.97 0.55 -8.58
C ASN A 37 -28.23 -0.69 -7.73
N LYS A 43 -28.46 -1.52 0.21
CA LYS A 43 -27.98 -1.86 1.55
C LYS A 43 -26.56 -2.40 1.48
N LEU A 44 -25.59 -1.54 1.77
CA LEU A 44 -24.17 -1.89 1.70
C LEU A 44 -23.53 -1.59 3.04
N SER A 45 -23.06 -2.64 3.73
CA SER A 45 -22.46 -2.48 5.03
C SER A 45 -21.17 -1.65 4.92
N THR A 46 -20.81 -1.02 6.03
CA THR A 46 -19.54 -0.28 6.09
C THR A 46 -18.37 -1.20 5.72
N PHE A 47 -18.38 -2.43 6.23
CA PHE A 47 -17.31 -3.37 5.91
C PHE A 47 -17.24 -3.63 4.42
N GLY A 48 -18.40 -3.83 3.77
CA GLY A 48 -18.40 -4.04 2.33
C GLY A 48 -17.92 -2.81 1.58
N LEU A 49 -18.27 -1.62 2.07
CA LEU A 49 -17.78 -0.39 1.46
C LEU A 49 -16.26 -0.33 1.53
N MET A 50 -15.69 -0.65 2.69
CA MET A 50 -14.23 -0.67 2.80
C MET A 50 -13.62 -1.71 1.88
N CYS A 51 -14.29 -2.86 1.74
CA CYS A 51 -13.80 -3.91 0.83
C CYS A 51 -13.74 -3.40 -0.60
N LYS A 52 -14.80 -2.72 -1.05
CA LYS A 52 -14.84 -2.24 -2.43
C LYS A 52 -13.83 -1.10 -2.65
N MET A 53 -13.67 -0.23 -1.64
CA MET A 53 -12.63 0.79 -1.73
C MET A 53 -11.25 0.15 -1.86
N ALA A 54 -10.99 -0.89 -1.07
CA ALA A 54 -9.71 -1.60 -1.18
C ALA A 54 -9.57 -2.28 -2.54
N ASP A 55 -10.68 -2.74 -3.12
CA ASP A 55 -10.63 -3.34 -4.45
C ASP A 55 -10.17 -2.31 -5.49
N GLN A 56 -10.79 -1.13 -5.47
CA GLN A 56 -10.38 -0.07 -6.39
C GLN A 56 -8.92 0.34 -6.13
N THR A 57 -8.53 0.41 -4.85
CA THR A 57 -7.15 0.70 -4.51
C THR A 57 -6.22 -0.35 -5.11
N LEU A 58 -6.64 -1.61 -5.11
CA LEU A 58 -5.81 -2.68 -5.66
C LEU A 58 -5.67 -2.53 -7.17
N PHE A 59 -6.75 -2.17 -7.85
CA PHE A 59 -6.64 -1.89 -9.28
C PHE A 59 -5.62 -0.78 -9.53
N SER A 60 -5.68 0.29 -8.73
CA SER A 60 -4.73 1.38 -8.90
C SER A 60 -3.31 0.94 -8.59
N ILE A 61 -3.15 0.06 -7.60
CA ILE A 61 -1.82 -0.44 -7.25
C ILE A 61 -1.25 -1.26 -8.40
N VAL A 62 -2.08 -2.09 -9.03
CA VAL A 62 -1.61 -2.87 -10.18
C VAL A 62 -1.22 -1.93 -11.30
N GLU A 63 -2.01 -0.87 -11.53
CA GLU A 63 -1.64 0.08 -12.57
C GLU A 63 -0.34 0.81 -12.24
N TRP A 64 -0.05 1.01 -10.95
CA TRP A 64 1.20 1.66 -10.56
C TRP A 64 2.38 0.72 -10.74
N ALA A 65 2.21 -0.56 -10.39
CA ALA A 65 3.29 -1.52 -10.54
C ALA A 65 3.68 -1.69 -11.99
N ARG A 66 2.71 -1.96 -12.87
CA ARG A 66 3.01 -2.14 -14.28
C ARG A 66 3.44 -0.83 -14.95
N SER A 67 3.41 0.29 -14.24
CA SER A 67 3.99 1.54 -14.70
C SER A 67 5.42 1.72 -14.25
N SER A 68 5.93 0.84 -13.40
CA SER A 68 7.21 1.05 -12.75
C SER A 68 8.37 0.71 -13.66
N ILE A 69 9.42 1.53 -13.60
CA ILE A 69 10.70 1.11 -14.12
C ILE A 69 11.12 -0.16 -13.40
N PHE A 70 11.83 -1.04 -14.10
CA PHE A 70 12.24 -2.35 -13.60
C PHE A 70 11.08 -3.34 -13.64
N PHE A 71 9.90 -2.92 -13.16
CA PHE A 71 8.79 -3.87 -13.04
C PHE A 71 8.28 -4.32 -14.41
N ARG A 72 8.10 -3.38 -15.34
CA ARG A 72 7.72 -3.76 -16.69
C ARG A 72 8.71 -4.75 -17.27
N GLU A 73 10.00 -4.62 -16.91
CA GLU A 73 11.05 -5.48 -17.45
C GLU A 73 10.89 -6.94 -17.07
N LEU A 74 10.00 -7.24 -16.12
CA LEU A 74 9.90 -8.60 -15.59
C LEU A 74 8.89 -9.43 -16.37
N LYS A 75 9.14 -10.73 -16.43
CA LYS A 75 8.14 -11.68 -16.89
C LYS A 75 6.88 -11.56 -16.04
N VAL A 76 5.73 -11.79 -16.68
CA VAL A 76 4.45 -11.59 -16.00
C VAL A 76 4.31 -12.52 -14.80
N ASP A 77 4.93 -13.70 -14.85
CA ASP A 77 4.91 -14.59 -13.70
C ASP A 77 5.59 -13.95 -12.49
N ASP A 78 6.77 -13.36 -12.72
CA ASP A 78 7.47 -12.67 -11.64
C ASP A 78 6.64 -11.50 -11.11
N GLN A 79 6.02 -10.73 -12.01
CA GLN A 79 5.16 -9.63 -11.59
C GLN A 79 4.04 -10.15 -10.70
N MET A 80 3.39 -11.23 -11.13
CA MET A 80 2.32 -11.82 -10.34
C MET A 80 2.82 -12.21 -8.95
N LYS A 81 3.98 -12.87 -8.88
CA LYS A 81 4.48 -13.34 -7.60
C LYS A 81 4.76 -12.16 -6.67
N LEU A 82 5.45 -11.13 -7.18
CA LEU A 82 5.74 -9.97 -6.35
C LEU A 82 4.46 -9.29 -5.86
N LEU A 83 3.50 -9.11 -6.77
CA LEU A 83 2.29 -8.38 -6.42
C LEU A 83 1.47 -9.15 -5.39
N GLN A 84 1.35 -10.46 -5.55
CA GLN A 84 0.60 -11.24 -4.58
C GLN A 84 1.37 -11.48 -3.29
N ASN A 85 2.68 -11.20 -3.28
CA ASN A 85 3.41 -11.22 -2.03
C ASN A 85 3.29 -9.91 -1.27
N CYS A 86 3.05 -8.79 -1.96
CA CYS A 86 3.12 -7.48 -1.31
C CYS A 86 1.86 -6.62 -1.39
N TRP A 87 0.74 -7.12 -1.93
CA TRP A 87 -0.42 -6.24 -2.10
C TRP A 87 -0.98 -5.77 -0.76
N SER A 88 -1.07 -6.67 0.22
CA SER A 88 -1.58 -6.27 1.53
C SER A 88 -0.69 -5.22 2.17
N GLU A 89 0.63 -5.44 2.13
CA GLU A 89 1.55 -4.48 2.73
C GLU A 89 1.47 -3.14 2.02
N LEU A 90 1.29 -3.15 0.70
CA LEU A 90 1.12 -1.89 -0.03
C LEU A 90 -0.15 -1.18 0.43
N LEU A 91 -1.24 -1.92 0.61
CA LEU A 91 -2.48 -1.30 1.08
C LEU A 91 -2.27 -0.64 2.44
N ILE A 92 -1.67 -1.37 3.38
CA ILE A 92 -1.49 -0.82 4.72
C ILE A 92 -0.54 0.38 4.68
N LEU A 93 0.52 0.31 3.87
CA LEU A 93 1.44 1.44 3.77
C LEU A 93 0.76 2.66 3.18
N ASP A 94 -0.08 2.47 2.17
CA ASP A 94 -0.81 3.59 1.60
C ASP A 94 -1.75 4.21 2.62
N HIS A 95 -2.45 3.37 3.39
CA HIS A 95 -3.30 3.89 4.46
C HIS A 95 -2.49 4.73 5.44
N ILE A 96 -1.37 4.18 5.91
CA ILE A 96 -0.56 4.88 6.91
C ILE A 96 -0.05 6.20 6.36
N TYR A 97 0.42 6.21 5.11
CA TYR A 97 0.94 7.44 4.54
C TYR A 97 -0.16 8.46 4.31
N ARG A 98 -1.37 8.01 3.97
CA ARG A 98 -2.50 8.92 3.88
C ARG A 98 -2.74 9.62 5.21
N GLN A 99 -2.81 8.82 6.29
CA GLN A 99 -3.00 9.40 7.61
C GLN A 99 -1.87 10.37 7.96
N VAL A 100 -0.64 10.03 7.57
CA VAL A 100 0.51 10.90 7.85
C VAL A 100 0.37 12.21 7.10
N VAL A 101 -0.03 12.16 5.83
CA VAL A 101 -0.16 13.36 5.03
C VAL A 101 -1.22 14.28 5.62
N HIS A 102 -2.38 13.72 5.99
CA HIS A 102 -3.42 14.56 6.56
C HIS A 102 -3.16 14.86 8.03
N GLY A 103 -2.66 13.88 8.78
CA GLY A 103 -2.15 14.15 10.12
C GLY A 103 -3.15 14.81 11.04
N LYS A 104 -4.39 14.33 11.05
CA LYS A 104 -5.41 14.79 11.99
C LYS A 104 -5.83 13.57 12.82
N GLU A 105 -5.03 13.26 13.85
CA GLU A 105 -5.33 12.14 14.71
C GLU A 105 -6.76 12.24 15.24
N GLY A 106 -7.37 11.08 15.48
CA GLY A 106 -8.79 11.03 15.78
C GLY A 106 -9.67 11.00 14.55
N SER A 107 -9.08 10.90 13.36
CA SER A 107 -9.83 10.76 12.13
C SER A 107 -9.12 9.74 11.24
N ILE A 108 -9.88 9.16 10.33
CA ILE A 108 -9.37 8.23 9.33
C ILE A 108 -9.74 8.79 7.95
N PHE A 109 -8.75 8.86 7.08
CA PHE A 109 -8.94 9.33 5.71
C PHE A 109 -8.90 8.14 4.77
N LEU A 110 -9.94 8.02 3.94
CA LEU A 110 -10.12 6.89 3.06
C LEU A 110 -9.52 7.19 1.69
N VAL A 111 -9.33 6.15 0.89
CA VAL A 111 -8.81 6.32 -0.46
C VAL A 111 -9.66 7.33 -1.24
N THR A 112 -10.92 7.48 -0.85
CA THR A 112 -11.80 8.50 -1.42
C THR A 112 -11.40 9.92 -1.03
N GLY A 113 -10.45 10.07 -0.10
CA GLY A 113 -10.21 11.35 0.52
C GLY A 113 -11.21 11.73 1.59
N GLN A 114 -12.22 10.89 1.83
CA GLN A 114 -13.25 11.20 2.81
C GLN A 114 -12.69 11.03 4.22
N GLN A 115 -12.89 12.05 5.05
CA GLN A 115 -12.52 12.00 6.45
C GLN A 115 -13.70 11.51 7.29
N VAL A 116 -13.42 10.59 8.21
CA VAL A 116 -14.45 10.09 9.12
C VAL A 116 -13.83 9.91 10.49
N ASP A 117 -14.55 10.29 11.54
CA ASP A 117 -14.03 10.17 12.89
C ASP A 117 -13.58 8.74 13.16
N TYR A 118 -12.37 8.61 13.73
CA TYR A 118 -11.88 7.30 14.12
C TYR A 118 -12.88 6.59 15.03
N SER A 119 -13.56 7.35 15.88
CA SER A 119 -14.51 6.75 16.82
C SER A 119 -15.60 5.96 16.09
N ILE A 120 -16.26 6.60 15.12
CA ILE A 120 -17.43 5.98 14.52
C ILE A 120 -17.04 4.78 13.66
N ILE A 121 -15.84 4.79 13.08
CA ILE A 121 -15.40 3.64 12.30
C ILE A 121 -14.99 2.50 13.23
N ALA A 122 -14.10 2.78 14.18
CA ALA A 122 -13.65 1.75 15.11
C ALA A 122 -14.82 1.11 15.85
N SER A 123 -15.88 1.89 16.12
CA SER A 123 -17.05 1.32 16.80
C SER A 123 -17.62 0.13 16.04
N GLN A 124 -17.45 0.10 14.72
CA GLN A 124 -18.06 -0.92 13.88
C GLN A 124 -17.13 -2.10 13.58
N ALA A 125 -15.93 -2.10 14.14
CA ALA A 125 -14.95 -3.14 13.85
C ALA A 125 -14.81 -4.10 15.03
N GLY A 126 -14.41 -5.32 14.73
CA GLY A 126 -14.10 -6.29 15.75
C GLY A 126 -12.78 -5.98 16.43
N ALA A 127 -12.40 -6.87 17.35
CA ALA A 127 -11.17 -6.66 18.12
C ALA A 127 -9.94 -6.74 17.22
N THR A 128 -9.96 -7.64 16.23
CA THR A 128 -8.80 -7.81 15.36
C THR A 128 -8.48 -6.53 14.60
N LEU A 129 -9.45 -6.02 13.84
CA LEU A 129 -9.20 -4.84 13.03
C LEU A 129 -9.00 -3.60 13.90
N ASN A 130 -9.60 -3.56 15.10
CA ASN A 130 -9.37 -2.44 15.99
C ASN A 130 -7.91 -2.42 16.47
N ASN A 131 -7.39 -3.59 16.87
CA ASN A 131 -5.97 -3.67 17.22
C ASN A 131 -5.10 -3.27 16.05
N LEU A 132 -5.43 -3.75 14.85
CA LEU A 132 -4.59 -3.44 13.69
C LEU A 132 -4.62 -1.95 13.37
N MET A 133 -5.79 -1.31 13.51
CA MET A 133 -5.88 0.12 13.26
C MET A 133 -5.12 0.92 14.31
N SER A 134 -5.20 0.49 15.57
CA SER A 134 -4.43 1.14 16.63
C SER A 134 -2.94 1.08 16.32
N HIS A 135 -2.45 -0.11 15.93
CA HIS A 135 -1.03 -0.24 15.58
C HIS A 135 -0.68 0.62 14.38
N ALA A 136 -1.55 0.63 13.36
CA ALA A 136 -1.30 1.43 12.17
C ALA A 136 -1.17 2.91 12.52
N GLN A 137 -2.01 3.40 13.44
CA GLN A 137 -1.94 4.82 13.77
C GLN A 137 -0.81 5.14 14.74
N GLU A 138 -0.37 4.17 15.55
CA GLU A 138 0.90 4.34 16.26
C GLU A 138 2.03 4.53 15.26
N LEU A 139 2.06 3.71 14.20
CA LEU A 139 3.05 3.89 13.15
C LEU A 139 2.89 5.25 12.48
N VAL A 140 1.65 5.69 12.24
CA VAL A 140 1.41 7.00 11.67
C VAL A 140 2.05 8.08 12.54
N ALA A 141 1.83 7.99 13.86
CA ALA A 141 2.40 8.96 14.77
C ALA A 141 3.93 8.96 14.69
N LYS A 142 4.55 7.78 14.77
CA LYS A 142 6.01 7.73 14.74
C LYS A 142 6.55 8.29 13.43
N LEU A 143 5.92 7.96 12.30
CA LEU A 143 6.38 8.46 11.02
C LEU A 143 6.19 9.96 10.90
N ARG A 144 5.13 10.51 11.50
CA ARG A 144 4.95 11.96 11.54
C ARG A 144 6.06 12.62 12.35
N SER A 145 6.40 12.04 13.50
CA SER A 145 7.48 12.59 14.31
C SER A 145 8.82 12.54 13.60
N LEU A 146 8.96 11.69 12.58
CA LEU A 146 10.17 11.62 11.77
C LEU A 146 10.09 12.47 10.52
N GLN A 147 8.94 13.09 10.24
CA GLN A 147 8.76 13.91 9.05
C GLN A 147 8.84 13.06 7.78
N PHE A 148 8.18 11.91 7.80
CA PHE A 148 8.05 11.07 6.62
C PHE A 148 7.51 11.88 5.45
N ASP A 149 8.30 11.97 4.38
CA ASP A 149 7.92 12.72 3.18
C ASP A 149 7.60 11.76 2.05
N GLN A 150 7.23 12.32 0.90
CA GLN A 150 6.75 11.53 -0.23
C GLN A 150 7.90 10.76 -0.89
N ARG A 151 9.08 11.37 -0.97
CA ARG A 151 10.23 10.68 -1.55
C ARG A 151 10.50 9.37 -0.81
N GLU A 152 10.58 9.44 0.52
CA GLU A 152 10.79 8.25 1.32
C GLU A 152 9.61 7.30 1.20
N PHE A 153 8.40 7.85 1.02
CA PHE A 153 7.22 7.00 0.85
C PHE A 153 7.35 6.13 -0.40
N VAL A 154 7.75 6.73 -1.52
CA VAL A 154 7.85 5.94 -2.76
C VAL A 154 9.04 4.99 -2.69
N CYS A 155 10.14 5.42 -2.05
CA CYS A 155 11.25 4.50 -1.85
C CYS A 155 10.81 3.27 -1.06
N LEU A 156 10.01 3.47 -0.01
CA LEU A 156 9.52 2.34 0.77
C LEU A 156 8.56 1.49 -0.04
N LYS A 157 7.70 2.12 -0.85
CA LYS A 157 6.82 1.36 -1.72
C LYS A 157 7.60 0.44 -2.64
N PHE A 158 8.71 0.95 -3.21
CA PHE A 158 9.49 0.13 -4.12
C PHE A 158 10.25 -0.97 -3.37
N LEU A 159 10.74 -0.65 -2.17
CA LEU A 159 11.39 -1.67 -1.35
C LEU A 159 10.41 -2.78 -1.00
N VAL A 160 9.14 -2.45 -0.82
CA VAL A 160 8.14 -3.46 -0.48
C VAL A 160 7.76 -4.27 -1.71
N LEU A 161 7.57 -3.62 -2.86
CA LEU A 161 7.22 -4.34 -4.07
C LEU A 161 8.34 -5.30 -4.46
N PHE A 162 9.58 -4.81 -4.51
CA PHE A 162 10.73 -5.62 -4.92
C PHE A 162 11.35 -6.27 -3.69
N SER A 163 10.58 -7.20 -3.13
CA SER A 163 10.95 -7.84 -1.87
C SER A 163 11.99 -8.92 -2.09
N LEU A 164 12.93 -9.04 -1.14
CA LEU A 164 13.95 -10.07 -1.20
C LEU A 164 13.43 -11.44 -0.81
N ASP A 165 12.25 -11.51 -0.18
CA ASP A 165 11.72 -12.76 0.35
C ASP A 165 10.81 -13.49 -0.63
N VAL A 166 10.64 -12.97 -1.85
CA VAL A 166 9.84 -13.65 -2.86
C VAL A 166 10.73 -14.65 -3.58
N LYS A 167 10.39 -15.93 -3.47
CA LYS A 167 11.16 -17.00 -4.09
C LYS A 167 10.48 -17.47 -5.37
N ASN A 168 11.19 -18.37 -6.08
CA ASN A 168 10.72 -18.92 -7.35
C ASN A 168 10.58 -17.85 -8.42
N LEU A 169 11.44 -16.84 -8.36
CA LEU A 169 11.52 -15.82 -9.40
C LEU A 169 12.54 -16.26 -10.45
N GLU A 170 12.30 -15.86 -11.70
CA GLU A 170 13.29 -16.09 -12.74
C GLU A 170 14.39 -15.04 -12.69
N ASN A 171 14.01 -13.77 -12.53
CA ASN A 171 14.95 -12.66 -12.52
C ASN A 171 15.13 -12.12 -11.11
N PHE A 172 15.46 -13.00 -10.16
CA PHE A 172 15.71 -12.54 -8.80
C PHE A 172 16.82 -11.50 -8.74
N GLN A 173 17.77 -11.54 -9.68
CA GLN A 173 18.87 -10.59 -9.67
C GLN A 173 18.37 -9.18 -9.95
N LEU A 174 17.36 -9.04 -10.81
CA LEU A 174 16.77 -7.72 -11.04
C LEU A 174 16.19 -7.16 -9.75
N VAL A 175 15.50 -8.01 -8.98
CA VAL A 175 14.90 -7.55 -7.73
C VAL A 175 15.99 -7.20 -6.72
N GLU A 176 17.06 -7.99 -6.68
CA GLU A 176 18.19 -7.68 -5.80
C GLU A 176 18.80 -6.33 -6.15
N GLY A 177 19.00 -6.08 -7.44
CA GLY A 177 19.57 -4.82 -7.86
C GLY A 177 18.67 -3.64 -7.56
N VAL A 178 17.36 -3.81 -7.77
CA VAL A 178 16.43 -2.75 -7.44
C VAL A 178 16.46 -2.46 -5.95
N GLN A 179 16.50 -3.52 -5.13
CA GLN A 179 16.59 -3.33 -3.68
C GLN A 179 17.84 -2.54 -3.32
N GLU A 180 18.99 -2.95 -3.86
CA GLU A 180 20.24 -2.24 -3.57
C GLU A 180 20.15 -0.78 -3.97
N GLN A 181 19.68 -0.52 -5.20
CA GLN A 181 19.62 0.85 -5.70
C GLN A 181 18.72 1.72 -4.84
N VAL A 182 17.50 1.24 -4.55
CA VAL A 182 16.55 2.04 -3.82
C VAL A 182 17.00 2.23 -2.38
N ASN A 183 17.63 1.21 -1.79
CA ASN A 183 18.15 1.34 -0.43
C ASN A 183 19.23 2.41 -0.36
N ALA A 184 20.19 2.38 -1.30
CA ALA A 184 21.24 3.38 -1.32
C ALA A 184 20.65 4.77 -1.54
N ALA A 185 19.72 4.90 -2.49
CA ALA A 185 19.13 6.20 -2.77
C ALA A 185 18.38 6.76 -1.55
N LEU A 186 17.63 5.91 -0.86
CA LEU A 186 16.89 6.36 0.31
C LEU A 186 17.85 6.73 1.44
N LEU A 187 18.88 5.91 1.66
CA LEU A 187 19.91 6.28 2.62
C LEU A 187 20.42 7.70 2.35
N ASP A 188 20.92 7.90 1.13
CA ASP A 188 21.49 9.20 0.76
C ASP A 188 20.48 10.32 0.98
N TYR A 189 19.27 10.16 0.44
CA TYR A 189 18.29 11.23 0.51
C TYR A 189 17.93 11.55 1.95
N THR A 190 17.62 10.53 2.75
CA THR A 190 17.15 10.78 4.11
C THR A 190 18.23 11.44 4.95
N MET A 191 19.47 10.94 4.87
CA MET A 191 20.50 11.51 5.72
C MET A 191 20.99 12.87 5.22
N CYS A 192 20.84 13.16 3.92
CA CYS A 192 21.24 14.45 3.41
C CYS A 192 20.17 15.52 3.64
N ASN A 193 18.90 15.15 3.57
CA ASN A 193 17.80 16.09 3.72
C ASN A 193 17.29 16.18 5.15
N TYR A 194 17.66 15.24 6.02
CA TYR A 194 17.27 15.27 7.43
C TYR A 194 18.47 14.92 8.29
N PRO A 195 19.56 15.69 8.20
CA PRO A 195 20.59 15.60 9.24
C PRO A 195 20.01 15.90 10.61
N GLN A 196 18.88 16.60 10.63
CA GLN A 196 18.05 16.77 11.79
C GLN A 196 17.87 15.50 12.62
N GLN A 197 17.83 14.33 11.97
CA GLN A 197 17.23 13.14 12.55
C GLN A 197 18.05 11.92 12.15
N THR A 198 19.33 11.93 12.50
CA THR A 198 20.17 10.78 12.23
C THR A 198 19.52 9.53 12.79
N GLU A 199 19.78 8.40 12.14
CA GLU A 199 19.11 7.13 12.39
C GLU A 199 17.66 7.15 11.94
N LYS A 200 17.21 8.23 11.28
CA LYS A 200 15.87 8.23 10.69
C LYS A 200 15.74 7.15 9.63
N PHE A 201 16.83 6.86 8.91
CA PHE A 201 16.80 5.85 7.87
C PHE A 201 16.64 4.45 8.47
N GLY A 202 17.45 4.12 9.47
CA GLY A 202 17.29 2.86 10.16
C GLY A 202 15.94 2.72 10.82
N GLN A 203 15.38 3.83 11.31
CA GLN A 203 14.05 3.79 11.91
C GLN A 203 13.00 3.52 10.84
N LEU A 204 13.05 4.24 9.72
CA LEU A 204 12.15 3.97 8.61
C LEU A 204 12.18 2.48 8.25
N LEU A 205 13.39 1.92 8.16
CA LEU A 205 13.50 0.51 7.80
C LEU A 205 12.93 -0.39 8.90
N LEU A 206 13.10 0.00 10.16
CA LEU A 206 12.56 -0.79 11.26
C LEU A 206 11.04 -0.81 11.26
N ARG A 207 10.39 0.19 10.66
CA ARG A 207 8.94 0.22 10.60
C ARG A 207 8.37 -0.74 9.56
N LEU A 208 9.20 -1.27 8.65
CA LEU A 208 8.68 -2.10 7.58
C LEU A 208 8.21 -3.46 8.09
N PRO A 209 8.96 -4.17 8.94
CA PRO A 209 8.44 -5.45 9.47
C PRO A 209 7.13 -5.28 10.23
N GLU A 210 6.93 -4.15 10.90
CA GLU A 210 5.69 -3.93 11.65
C GLU A 210 4.52 -3.73 10.70
N ILE A 211 4.71 -2.90 9.67
CA ILE A 211 3.70 -2.76 8.62
C ILE A 211 3.40 -4.12 8.01
N ARG A 212 4.44 -4.94 7.81
CA ARG A 212 4.25 -6.25 7.20
C ARG A 212 3.43 -7.17 8.09
N ALA A 213 3.69 -7.17 9.39
CA ALA A 213 2.92 -7.99 10.32
C ALA A 213 1.46 -7.58 10.31
N ILE A 214 1.21 -6.26 10.39
CA ILE A 214 -0.16 -5.76 10.31
C ILE A 214 -0.81 -6.22 9.01
N SER A 215 -0.09 -6.07 7.90
CA SER A 215 -0.62 -6.45 6.59
C SER A 215 -1.02 -7.91 6.56
N MET A 216 -0.16 -8.79 7.10
CA MET A 216 -0.43 -10.22 7.04
C MET A 216 -1.62 -10.59 7.91
N GLN A 217 -1.70 -10.04 9.12
CA GLN A 217 -2.85 -10.30 9.97
C GLN A 217 -4.14 -9.86 9.30
N ALA A 218 -4.14 -8.67 8.71
CA ALA A 218 -5.34 -8.19 8.03
C ALA A 218 -5.69 -9.07 6.84
N GLU A 219 -4.68 -9.49 6.06
CA GLU A 219 -4.93 -10.35 4.91
C GLU A 219 -5.62 -11.63 5.33
N GLU A 220 -5.09 -12.30 6.35
CA GLU A 220 -5.70 -13.56 6.77
C GLU A 220 -7.08 -13.34 7.39
N TYR A 221 -7.28 -12.20 8.08
CA TYR A 221 -8.61 -11.92 8.60
C TYR A 221 -9.63 -11.80 7.47
N LEU A 222 -9.30 -11.04 6.43
CA LEU A 222 -10.25 -10.87 5.34
C LEU A 222 -10.42 -12.18 4.55
N TYR A 223 -9.36 -12.98 4.44
CA TYR A 223 -9.49 -14.29 3.81
C TYR A 223 -10.51 -15.14 4.56
N TYR A 224 -10.36 -15.25 5.88
CA TYR A 224 -11.27 -16.09 6.66
C TYR A 224 -12.68 -15.52 6.69
N LYS A 225 -12.82 -14.19 6.68
CA LYS A 225 -14.15 -13.60 6.62
C LYS A 225 -14.80 -13.87 5.26
N HIS A 226 -13.99 -13.94 4.20
CA HIS A 226 -14.54 -14.28 2.89
C HIS A 226 -15.01 -15.74 2.87
N LEU A 227 -14.19 -16.65 3.41
CA LEU A 227 -14.60 -18.05 3.46
C LEU A 227 -15.92 -18.21 4.22
N ASN A 228 -16.21 -17.31 5.14
CA ASN A 228 -17.46 -17.35 5.90
C ASN A 228 -18.58 -16.57 5.23
N GLY A 229 -18.35 -16.00 4.05
CA GLY A 229 -19.40 -15.34 3.31
C GLY A 229 -19.74 -13.95 3.78
N ASP A 230 -18.81 -13.25 4.43
CA ASP A 230 -19.06 -11.89 4.89
C ASP A 230 -18.31 -10.84 4.08
N VAL A 231 -17.52 -11.25 3.09
CA VAL A 231 -16.82 -10.32 2.20
C VAL A 231 -17.64 -10.21 0.92
N PRO A 232 -18.32 -9.09 0.68
CA PRO A 232 -19.08 -8.96 -0.58
C PRO A 232 -18.17 -9.16 -1.79
N TYR A 233 -18.77 -9.62 -2.88
CA TYR A 233 -18.01 -10.02 -4.05
C TYR A 233 -17.18 -8.87 -4.61
N ASN A 234 -15.89 -8.84 -4.26
CA ASN A 234 -14.92 -7.92 -4.85
C ASN A 234 -13.99 -8.77 -5.71
N ASN A 235 -14.03 -8.56 -7.02
CA ASN A 235 -13.34 -9.46 -7.95
C ASN A 235 -11.86 -9.57 -7.61
N LEU A 236 -11.09 -8.49 -7.77
CA LEU A 236 -9.64 -8.61 -7.63
C LEU A 236 -9.23 -8.80 -6.18
N LEU A 237 -9.93 -8.17 -5.24
CA LEU A 237 -9.61 -8.40 -3.83
C LEU A 237 -9.72 -9.88 -3.49
N ILE A 238 -10.85 -10.50 -3.82
CA ILE A 238 -11.06 -11.91 -3.52
C ILE A 238 -10.07 -12.77 -4.30
N GLU A 239 -9.77 -12.38 -5.54
CA GLU A 239 -8.81 -13.15 -6.33
C GLU A 239 -7.43 -13.13 -5.69
N MET A 240 -6.99 -11.97 -5.21
CA MET A 240 -5.72 -11.89 -4.48
C MET A 240 -5.78 -12.71 -3.20
N LEU A 241 -6.94 -12.73 -2.54
CA LEU A 241 -7.06 -13.43 -1.27
C LEU A 241 -6.95 -14.94 -1.46
N HIS A 242 -7.69 -15.50 -2.42
CA HIS A 242 -7.70 -16.94 -2.59
C HIS A 242 -6.30 -17.49 -2.85
N ALA A 243 -5.56 -16.86 -3.74
CA ALA A 243 -4.21 -17.29 -4.06
C ALA A 243 -3.24 -16.90 -2.95
N ASN B 3 -4.70 -17.17 -10.38
CA ASN B 3 -5.25 -15.82 -10.40
C ASN B 3 -5.30 -15.27 -11.81
N ALA B 4 -6.38 -15.56 -12.53
CA ALA B 4 -6.49 -15.15 -13.92
C ALA B 4 -6.77 -13.66 -14.06
N LEU B 5 -7.47 -13.07 -13.09
CA LEU B 5 -7.78 -11.65 -13.17
C LEU B 5 -6.51 -10.80 -13.11
N LEU B 6 -5.60 -11.12 -12.18
CA LEU B 6 -4.36 -10.38 -12.10
C LEU B 6 -3.54 -10.52 -13.37
N ARG B 7 -3.54 -11.72 -13.97
CA ARG B 7 -2.79 -11.93 -15.21
C ARG B 7 -3.40 -11.11 -16.34
N TYR B 8 -4.72 -11.09 -16.46
CA TYR B 8 -5.36 -10.27 -17.48
C TYR B 8 -5.06 -8.80 -17.26
N LEU B 9 -5.00 -8.37 -15.99
CA LEU B 9 -4.67 -6.98 -15.71
C LEU B 9 -3.24 -6.65 -16.13
N LEU B 10 -2.31 -7.58 -15.89
CA LEU B 10 -0.91 -7.34 -16.20
C LEU B 10 -0.59 -7.47 -17.68
N ASP B 11 -1.38 -8.24 -18.44
CA ASP B 11 -1.16 -8.39 -19.87
C ASP B 11 -1.92 -7.37 -20.69
N LYS B 12 -3.09 -6.93 -20.20
CA LYS B 12 -3.88 -5.93 -20.91
C LYS B 12 -3.06 -4.67 -21.17
C10 IUW C . -9.05 -0.11 4.29
C13 IUW C . -9.69 0.90 7.85
C15 IUW C . -11.74 0.11 9.11
C17 IUW C . -13.50 -1.55 9.77
C20 IUW C . -14.89 -4.06 10.19
C21 IUW C . -15.78 -5.25 10.40
C22 IUW C . -15.00 -6.37 11.13
C26 IUW C . -7.09 -0.84 7.54
C28 IUW C . -5.31 -0.35 9.14
C01 IUW C . -7.20 -3.30 4.85
C02 IUW C . -8.24 -2.47 4.96
C03 IUW C . -9.57 -3.14 4.99
C04 IUW C . -10.16 -3.66 3.83
C05 IUW C . -11.40 -4.29 3.86
C06 IUW C . -12.11 -4.42 5.06
C07 IUW C . -11.54 -3.91 6.22
C08 IUW C . -10.29 -3.28 6.18
C09 IUW C . -8.00 -0.96 5.07
C11 IUW C . -9.78 0.69 5.35
C12 IUW C . -9.00 0.47 6.62
C14 IUW C . -10.66 -0.25 8.13
C16 IUW C . -13.07 -0.53 8.73
C18 IUW C . -15.05 -1.54 9.91
C19 IUW C . -15.69 -2.89 9.59
C25 IUW C . -8.02 -0.44 6.50
C27 IUW C . -6.20 0.07 8.14
C29 IUW C . -5.28 -1.67 9.55
C30 IUW C . -6.15 -2.58 8.95
C31 IUW C . -7.03 -2.16 7.96
C32 IUW C . -8.27 0.75 3.26
C38 IUW C . -6.90 0.90 3.91
C39 IUW C . -6.65 -0.51 4.44
N33 IUW C . -8.84 2.03 2.88
N36 IUW C . -11.33 1.65 2.34
O23 IUW C . -14.26 -6.04 12.09
O24 IUW C . -15.15 -7.54 10.70
O35 IUW C . -10.10 3.65 1.58
O37 IUW C . -9.64 1.46 0.56
S34 IUW C . -9.96 2.24 1.70
H101 IUW C . -9.68 -0.67 3.82
H132 IUW C . -9.07 1.06 8.58
H131 IUW C . -10.15 1.76 7.74
H152 IUW C . -11.85 1.07 9.17
H151 IUW C . -11.51 -0.16 10.02
H171 IUW C . -13.03 -1.37 10.60
H172 IUW C . -13.15 -2.42 9.53
H202 IUW C . -14.13 -4.30 9.62
H201 IUW C . -14.45 -3.80 11.02
H212 IUW C . -16.56 -5.00 10.91
H211 IUW C . -16.13 -5.58 9.56
H281 IUW C . -4.73 0.27 9.54
H012 IUW C . -7.27 -4.22 4.79
H011 IUW C . -6.31 -3.04 4.83
H041 IUW C . -9.73 -3.61 3.01
H051 IUW C . -11.78 -4.62 3.09
H061 IUW C . -12.93 -4.83 5.08
H071 IUW C . -12.00 -3.99 7.02
H081 IUW C . -9.94 -2.96 6.97
H112 IUW C . -10.71 0.42 5.45
H111 IUW C . -9.86 1.63 5.14
H141 IUW C . -11.07 -0.58 7.31
H142 IUW C . -10.18 -1.04 8.46
H162 IUW C . -13.04 -0.95 7.85
H161 IUW C . -13.78 0.12 8.61
H182 IUW C . -15.43 -0.85 9.35
H181 IUW C . -15.30 -1.27 10.81
H191 IUW C . -16.60 -2.89 9.92
H192 IUW C . -15.77 -2.97 8.63
H271 IUW C . -6.19 0.97 7.89
H291 IUW C . -4.68 -1.95 10.21
H301 IUW C . -6.12 -3.47 9.23
H311 IUW C . -7.60 -2.80 7.58
H321 IUW C . -8.19 0.24 2.43
H381 IUW C . -6.90 1.57 4.62
H382 IUW C . -6.22 1.19 3.29
H391 IUW C . -5.92 -0.49 5.08
H392 IUW C . -6.35 -1.08 3.73
H331 IUW C . -8.54 2.69 3.35
H362 IUW C . -11.90 2.07 2.83
H361 IUW C . -11.58 0.83 2.28
#